data_5OFV
#
_entry.id   5OFV
#
_cell.length_a   43.342
_cell.length_b   45.608
_cell.length_c   56.269
_cell.angle_alpha   98.02
_cell.angle_beta   111.14
_cell.angle_gamma   105.85
#
_symmetry.space_group_name_H-M   'P 1'
#
loop_
_entity.id
_entity.type
_entity.pdbx_description
1 polymer 'D-3-phosphoglycerate dehydrogenase'
2 non-polymer '5-fluoranyl-2-methyl-benzoic acid'
3 water water
#
_entity_poly.entity_id   1
_entity_poly.type   'polypeptide(L)'
_entity_poly.pdbx_seq_one_letter_code
;MLVMNTPNGNSLSAAELTCGMIMCLARQIPQATASMKDGKWERKKFMGTELNGKTLGILGLGRIGREVATRMQSFGMKTI
GYDPIISPEVSASFGVQQLPLEEIWPLCDFITVHTPLLPSTTGLLNDNTFAQCKKGVRVVNCARGGIVDEGALLRALQSG
QCAGAALDVFTEEPPRDRALVDHENVISCPHLGASTKEAQSRCGEEIAVQFVDMVKGKSLTGV
;
_entity_poly.pdbx_strand_id   B,A
#
loop_
_chem_comp.id
_chem_comp.type
_chem_comp.name
_chem_comp.formula
9TZ non-polymer '5-fluoranyl-2-methyl-benzoic acid' 'C8 H7 F O2'
#
# COMPACT_ATOMS: atom_id res chain seq x y z
N ASN A 8 16.13 12.35 -4.33
CA ASN A 8 16.42 12.58 -5.80
C ASN A 8 16.50 11.22 -6.62
N GLY A 9 17.75 10.70 -6.75
CA GLY A 9 18.10 9.32 -6.53
C GLY A 9 17.13 8.55 -5.67
N ASN A 10 16.78 9.00 -4.45
CA ASN A 10 15.79 8.22 -3.60
C ASN A 10 14.32 8.79 -3.48
N SER A 11 13.98 9.70 -4.40
CA SER A 11 12.68 10.35 -4.33
C SER A 11 11.54 9.36 -4.44
N LEU A 12 11.65 8.50 -5.45
CA LEU A 12 10.64 7.53 -5.66
C LEU A 12 10.54 6.51 -4.54
N SER A 13 11.65 6.03 -3.98
CA SER A 13 11.56 5.09 -2.87
C SER A 13 10.69 5.69 -1.74
N ALA A 14 10.97 6.95 -1.42
CA ALA A 14 10.25 7.67 -0.36
C ALA A 14 8.76 7.88 -0.66
N ALA A 15 8.46 8.33 -1.85
CA ALA A 15 7.13 8.50 -2.31
C ALA A 15 6.36 7.15 -2.30
N GLU A 16 7.06 6.14 -2.83
CA GLU A 16 6.37 4.81 -2.79
C GLU A 16 6.02 4.36 -1.38
N LEU A 17 6.98 4.47 -0.44
CA LEU A 17 6.71 4.04 0.95
C LEU A 17 5.54 4.87 1.49
N THR A 18 5.50 6.14 1.13
CA THR A 18 4.45 6.99 1.65
C THR A 18 3.06 6.52 1.17
N CYS A 19 2.99 6.24 -0.14
CA CYS A 19 1.72 5.81 -0.68
C CYS A 19 1.34 4.41 -0.08
N GLY A 20 2.34 3.53 0.14
CA GLY A 20 2.03 2.30 0.86
C GLY A 20 1.45 2.53 2.25
N MET A 21 1.99 3.54 2.94
N MET A 21 1.99 3.54 2.94
CA MET A 21 1.53 3.79 4.31
CA MET A 21 1.53 3.79 4.31
C MET A 21 0.12 4.34 4.29
C MET A 21 0.13 4.34 4.30
N ILE A 22 -0.20 5.12 3.29
CA ILE A 22 -1.56 5.62 3.14
C ILE A 22 -2.59 4.49 2.94
N MET A 23 -2.23 3.57 2.03
N MET A 23 -2.22 3.56 2.05
CA MET A 23 -3.09 2.39 1.86
CA MET A 23 -3.06 2.37 1.87
C MET A 23 -3.15 1.50 3.11
C MET A 23 -3.16 1.51 3.12
N CYS A 24 -2.05 1.26 3.79
CA CYS A 24 -2.07 0.55 5.10
C CYS A 24 -2.95 1.18 6.13
N LEU A 25 -3.03 2.52 6.17
CA LEU A 25 -3.93 3.21 7.09
C LEU A 25 -5.39 3.07 6.70
N ALA A 26 -5.69 3.02 5.38
CA ALA A 26 -7.04 2.91 4.96
C ALA A 26 -7.61 1.50 5.24
N ARG A 27 -6.75 0.47 5.13
N ARG A 27 -6.75 0.47 5.13
CA ARG A 27 -7.21 -0.91 5.27
CA ARG A 27 -7.21 -0.91 5.27
C ARG A 27 -6.62 -1.76 6.43
C ARG A 27 -6.62 -1.76 6.43
N GLN A 28 -5.75 -1.21 7.26
CA GLN A 28 -5.12 -1.86 8.39
C GLN A 28 -4.43 -3.19 8.05
N ILE A 29 -3.74 -3.15 6.94
CA ILE A 29 -3.12 -4.38 6.50
C ILE A 29 -2.09 -4.91 7.51
N PRO A 30 -1.22 -4.12 8.12
CA PRO A 30 -0.28 -4.60 9.11
C PRO A 30 -0.93 -5.32 10.33
N GLN A 31 -2.02 -4.72 10.83
CA GLN A 31 -2.74 -5.18 12.00
C GLN A 31 -3.47 -6.45 11.65
N ALA A 32 -3.98 -6.47 10.40
CA ALA A 32 -4.72 -7.67 9.94
C ALA A 32 -3.77 -8.83 9.80
N THR A 33 -2.58 -8.56 9.29
CA THR A 33 -1.56 -9.64 9.12
C THR A 33 -1.14 -10.18 10.51
N ALA A 34 -0.89 -9.31 11.52
CA ALA A 34 -0.59 -9.78 12.84
C ALA A 34 -1.74 -10.63 13.48
N SER A 35 -2.99 -10.23 13.26
CA SER A 35 -4.15 -10.92 13.71
C SER A 35 -4.16 -12.39 13.09
N MET A 36 -4.02 -12.45 11.77
CA MET A 36 -3.99 -13.73 11.04
C MET A 36 -2.82 -14.59 11.51
N LYS A 37 -1.66 -13.99 11.74
CA LYS A 37 -0.54 -14.79 12.23
C LYS A 37 -0.74 -15.33 13.63
N ASP A 38 -1.65 -14.73 14.38
N ASP A 38 -1.68 -14.73 14.36
CA ASP A 38 -1.98 -15.17 15.72
CA ASP A 38 -2.07 -15.14 15.68
C ASP A 38 -3.15 -16.16 15.71
C ASP A 38 -3.15 -16.17 15.70
N GLY A 39 -3.53 -16.64 14.52
CA GLY A 39 -4.61 -17.67 14.38
C GLY A 39 -6.02 -17.07 14.44
N LYS A 40 -6.12 -15.73 14.47
CA LYS A 40 -7.43 -15.06 14.58
C LYS A 40 -8.01 -14.75 13.23
N TRP A 41 -9.33 -14.59 13.19
CA TRP A 41 -10.07 -14.17 11.96
C TRP A 41 -11.10 -13.08 12.35
N GLU A 42 -10.68 -11.85 12.22
CA GLU A 42 -11.36 -10.70 12.82
C GLU A 42 -11.87 -9.75 11.73
N ARG A 43 -13.01 -10.08 11.14
CA ARG A 43 -13.44 -9.26 9.94
C ARG A 43 -14.12 -7.94 10.26
N LYS A 44 -14.88 -7.91 11.31
CA LYS A 44 -15.47 -6.64 11.78
C LYS A 44 -14.40 -5.62 12.28
N LYS A 45 -13.45 -6.09 13.06
CA LYS A 45 -12.38 -5.24 13.53
C LYS A 45 -11.62 -4.45 12.49
N PHE A 46 -11.52 -5.00 11.28
CA PHE A 46 -10.71 -4.39 10.25
C PHE A 46 -11.48 -3.86 9.07
N MET A 47 -12.77 -3.59 9.26
CA MET A 47 -13.53 -2.67 8.38
C MET A 47 -12.71 -1.40 8.12
N GLY A 48 -12.59 -1.02 6.84
CA GLY A 48 -11.72 0.05 6.41
C GLY A 48 -12.46 1.09 5.59
N THR A 49 -11.71 1.93 4.88
CA THR A 49 -12.29 2.93 4.03
C THR A 49 -11.62 2.95 2.70
N GLU A 50 -12.37 3.48 1.75
CA GLU A 50 -11.95 3.73 0.39
C GLU A 50 -11.22 5.02 0.35
N LEU A 51 -10.16 5.03 -0.43
CA LEU A 51 -9.46 6.25 -0.84
C LEU A 51 -10.16 7.11 -1.82
N ASN A 52 -10.83 6.52 -2.75
CA ASN A 52 -11.49 7.28 -3.81
C ASN A 52 -12.48 8.35 -3.23
N GLY A 53 -12.38 9.58 -3.71
CA GLY A 53 -13.19 10.69 -3.19
C GLY A 53 -12.63 11.35 -1.95
N LYS A 54 -11.66 10.76 -1.28
N LYS A 54 -11.66 10.76 -1.28
CA LYS A 54 -11.10 11.36 -0.05
CA LYS A 54 -11.10 11.36 -0.06
C LYS A 54 -10.11 12.45 -0.37
C LYS A 54 -10.12 12.45 -0.38
N THR A 55 -9.88 13.33 0.61
CA THR A 55 -8.92 14.43 0.46
C THR A 55 -7.64 14.17 1.15
N LEU A 56 -6.54 14.28 0.42
CA LEU A 56 -5.22 14.16 0.83
C LEU A 56 -4.54 15.54 0.89
N GLY A 57 -4.06 15.91 2.07
CA GLY A 57 -3.24 17.18 2.23
C GLY A 57 -1.79 16.82 2.20
N ILE A 58 -1.03 17.49 1.37
CA ILE A 58 0.40 17.19 1.10
C ILE A 58 1.16 18.48 1.60
N LEU A 59 1.88 18.35 2.68
CA LEU A 59 2.61 19.48 3.19
C LEU A 59 4.04 19.42 2.78
N GLY A 60 4.46 20.26 1.84
CA GLY A 60 5.77 20.08 1.20
C GLY A 60 5.55 19.53 -0.21
N LEU A 61 5.82 20.36 -1.21
CA LEU A 61 5.50 20.06 -2.59
C LEU A 61 6.67 20.06 -3.56
N GLY A 62 7.84 19.71 -3.03
CA GLY A 62 8.95 19.24 -3.85
C GLY A 62 8.74 17.85 -4.45
N ARG A 63 9.85 17.32 -4.91
CA ARG A 63 9.90 16.17 -5.74
C ARG A 63 9.02 15.08 -5.09
N ILE A 64 9.28 14.81 -3.82
CA ILE A 64 8.61 13.67 -3.20
C ILE A 64 7.13 13.90 -3.11
N GLY A 65 6.77 15.08 -2.59
CA GLY A 65 5.39 15.38 -2.43
C GLY A 65 4.61 15.37 -3.73
N ARG A 66 5.24 15.79 -4.82
CA ARG A 66 4.63 15.77 -6.20
C ARG A 66 4.43 14.34 -6.66
N GLU A 67 5.38 13.48 -6.35
N GLU A 67 5.39 13.49 -6.35
CA GLU A 67 5.34 12.05 -6.76
CA GLU A 67 5.33 12.06 -6.78
C GLU A 67 4.20 11.34 -6.01
C GLU A 67 4.20 11.34 -6.01
N VAL A 68 4.07 11.63 -4.72
CA VAL A 68 2.96 11.14 -3.97
C VAL A 68 1.64 11.62 -4.62
N ALA A 69 1.52 12.93 -4.95
CA ALA A 69 0.31 13.43 -5.47
C ALA A 69 -0.17 12.71 -6.70
N THR A 70 0.71 12.55 -7.69
CA THR A 70 0.27 11.96 -8.94
C THR A 70 -0.14 10.48 -8.80
N ARG A 71 0.53 9.80 -7.87
CA ARG A 71 0.18 8.41 -7.54
C ARG A 71 -1.19 8.27 -6.82
N MET A 72 -1.41 9.13 -5.81
CA MET A 72 -2.70 9.09 -5.16
C MET A 72 -3.87 9.72 -5.95
N GLN A 73 -3.61 10.65 -6.88
CA GLN A 73 -4.63 11.10 -7.85
C GLN A 73 -5.23 9.88 -8.64
N SER A 74 -4.41 8.91 -8.91
CA SER A 74 -4.94 7.72 -9.73
C SER A 74 -5.94 6.93 -8.90
N PHE A 75 -5.93 7.08 -7.62
CA PHE A 75 -6.89 6.38 -6.72
C PHE A 75 -8.14 7.25 -6.55
N GLY A 76 -8.20 8.41 -7.24
CA GLY A 76 -9.31 9.35 -7.07
C GLY A 76 -9.32 10.14 -5.81
N MET A 77 -8.16 10.32 -5.23
CA MET A 77 -8.10 11.24 -4.07
C MET A 77 -7.98 12.67 -4.57
N LYS A 78 -8.58 13.63 -3.85
N LYS A 78 -8.56 13.61 -3.85
CA LYS A 78 -8.42 15.07 -4.14
CA LYS A 78 -8.40 15.03 -4.15
C LYS A 78 -7.12 15.51 -3.43
C LYS A 78 -7.12 15.51 -3.43
N THR A 79 -6.22 16.20 -4.14
CA THR A 79 -4.93 16.53 -3.54
C THR A 79 -4.78 18.02 -3.42
N ILE A 80 -4.66 18.47 -2.17
CA ILE A 80 -4.40 19.82 -1.79
C ILE A 80 -3.10 19.87 -1.01
N GLY A 81 -2.57 21.06 -0.78
CA GLY A 81 -1.33 21.13 -0.07
C GLY A 81 -0.79 22.56 0.03
N TYR A 82 0.44 22.62 0.49
CA TYR A 82 1.04 23.92 0.91
C TYR A 82 2.54 23.74 0.84
N ASP A 83 3.22 24.70 0.20
CA ASP A 83 4.64 24.80 0.15
C ASP A 83 4.98 26.27 0.03
N PRO A 84 5.80 26.76 0.93
CA PRO A 84 6.03 28.22 1.07
C PRO A 84 6.75 28.80 -0.16
N ILE A 85 7.45 27.94 -0.87
CA ILE A 85 8.34 28.33 -1.92
C ILE A 85 7.86 27.98 -3.34
N ILE A 86 7.07 26.92 -3.50
CA ILE A 86 6.59 26.46 -4.80
C ILE A 86 5.45 27.37 -5.23
N SER A 87 5.61 28.03 -6.38
CA SER A 87 4.50 28.85 -6.83
C SER A 87 3.26 27.92 -6.99
N PRO A 88 2.03 28.46 -6.84
CA PRO A 88 0.78 27.71 -7.12
C PRO A 88 0.58 27.20 -8.57
N GLU A 89 1.12 27.92 -9.53
N GLU A 89 1.11 27.92 -9.53
CA GLU A 89 1.11 27.54 -10.92
CA GLU A 89 1.09 27.50 -10.91
C GLU A 89 1.88 26.22 -11.09
C GLU A 89 1.87 26.20 -11.09
N VAL A 90 3.00 26.10 -10.38
CA VAL A 90 3.82 24.86 -10.49
C VAL A 90 3.08 23.68 -9.88
N SER A 91 2.52 23.90 -8.68
CA SER A 91 1.79 22.86 -8.01
C SER A 91 0.53 22.48 -8.80
N ALA A 92 -0.19 23.43 -9.34
CA ALA A 92 -1.30 23.15 -10.26
C ALA A 92 -0.90 22.26 -11.46
N SER A 93 0.35 22.38 -11.93
CA SER A 93 0.85 21.57 -13.05
C SER A 93 0.86 20.09 -12.69
N PHE A 94 0.93 19.80 -11.40
CA PHE A 94 0.81 18.47 -11.00
C PHE A 94 -0.46 18.20 -10.17
N GLY A 95 -1.49 19.04 -10.37
CA GLY A 95 -2.82 18.75 -9.86
C GLY A 95 -3.08 18.99 -8.36
N VAL A 96 -2.25 19.82 -7.76
CA VAL A 96 -2.33 20.09 -6.32
C VAL A 96 -2.75 21.54 -6.16
N GLN A 97 -3.87 21.70 -5.52
CA GLN A 97 -4.42 22.99 -5.14
C GLN A 97 -3.74 23.51 -3.91
N GLN A 98 -3.04 24.61 -4.05
CA GLN A 98 -2.45 25.26 -2.89
C GLN A 98 -3.44 26.13 -2.13
N LEU A 99 -3.41 25.94 -0.80
CA LEU A 99 -4.16 26.70 0.18
C LEU A 99 -3.33 27.01 1.40
N PRO A 100 -3.64 28.11 2.06
CA PRO A 100 -3.01 28.32 3.32
C PRO A 100 -3.23 27.20 4.29
N LEU A 101 -2.31 26.97 5.22
CA LEU A 101 -2.43 25.90 6.15
C LEU A 101 -3.69 25.84 6.93
N GLU A 102 -4.10 27.02 7.38
CA GLU A 102 -5.35 27.14 8.05
C GLU A 102 -6.59 26.63 7.28
N GLU A 103 -6.52 26.67 5.93
CA GLU A 103 -7.59 26.16 5.05
C GLU A 103 -7.48 24.65 4.91
N ILE A 104 -6.27 24.16 5.01
CA ILE A 104 -6.02 22.76 4.71
C ILE A 104 -6.56 21.84 5.79
N TRP A 105 -6.32 22.20 7.04
CA TRP A 105 -6.57 21.28 8.18
C TRP A 105 -8.00 20.69 8.14
N PRO A 106 -9.03 21.54 7.98
CA PRO A 106 -10.36 20.97 8.16
C PRO A 106 -10.83 20.13 7.00
N LEU A 107 -10.09 20.14 5.91
CA LEU A 107 -10.54 19.53 4.65
C LEU A 107 -10.05 18.09 4.56
N CYS A 108 -9.00 17.79 5.26
CA CYS A 108 -8.26 16.54 4.99
C CYS A 108 -8.85 15.28 5.63
N ASP A 109 -8.91 14.18 4.84
CA ASP A 109 -9.07 12.79 5.39
C ASP A 109 -7.70 12.19 5.78
N PHE A 110 -6.66 12.57 5.00
CA PHE A 110 -5.37 12.09 5.17
C PHE A 110 -4.43 13.29 5.07
N ILE A 111 -3.38 13.24 5.88
CA ILE A 111 -2.32 14.30 5.74
C ILE A 111 -0.97 13.62 5.72
N THR A 112 -0.11 14.01 4.81
CA THR A 112 1.22 13.49 4.71
C THR A 112 2.23 14.69 4.64
N VAL A 113 3.37 14.50 5.25
CA VAL A 113 4.36 15.59 5.36
C VAL A 113 5.58 15.26 4.57
N HIS A 114 6.05 16.23 3.77
CA HIS A 114 7.26 16.02 2.94
C HIS A 114 8.15 17.31 2.96
N THR A 115 8.53 17.64 4.17
CA THR A 115 9.25 18.93 4.52
C THR A 115 10.59 18.64 5.07
N PRO A 116 11.46 19.71 5.11
CA PRO A 116 12.64 19.57 5.94
C PRO A 116 12.26 19.67 7.41
N LEU A 117 13.22 19.38 8.29
CA LEU A 117 13.06 19.60 9.71
C LEU A 117 13.73 21.01 10.00
N LEU A 118 12.86 21.98 10.29
CA LEU A 118 13.31 23.35 10.56
C LEU A 118 12.51 23.75 11.77
N PRO A 119 12.90 24.85 12.40
CA PRO A 119 11.96 25.27 13.49
C PRO A 119 10.50 25.55 13.08
N SER A 120 10.30 26.06 11.88
CA SER A 120 8.94 26.20 11.35
C SER A 120 8.10 24.91 11.08
N THR A 121 8.83 23.80 10.92
CA THR A 121 8.16 22.50 10.71
C THR A 121 8.25 21.48 11.84
N THR A 122 8.95 21.78 12.88
CA THR A 122 8.99 20.93 14.07
C THR A 122 7.72 21.09 14.74
N GLY A 123 6.97 20.01 14.87
CA GLY A 123 5.61 20.10 15.40
C GLY A 123 4.64 20.84 14.51
N LEU A 124 4.85 20.81 13.22
CA LEU A 124 3.93 21.27 12.27
C LEU A 124 2.57 20.71 12.56
N LEU A 125 2.51 19.41 12.91
N LEU A 125 2.51 19.41 12.92
CA LEU A 125 1.31 18.80 13.45
CA LEU A 125 1.31 18.80 13.45
C LEU A 125 1.50 18.73 14.93
C LEU A 125 1.49 18.72 14.93
N ASN A 126 0.67 19.51 15.63
CA ASN A 126 0.70 19.61 17.11
C ASN A 126 -0.70 19.71 17.61
N ASP A 127 -0.87 20.01 18.92
CA ASP A 127 -2.22 20.06 19.49
C ASP A 127 -3.10 21.13 18.79
N ASN A 128 -2.52 22.31 18.55
CA ASN A 128 -3.22 23.38 17.82
C ASN A 128 -3.71 23.06 16.40
N THR A 129 -2.83 22.33 15.68
CA THR A 129 -3.22 21.91 14.32
C THR A 129 -4.13 20.63 14.27
N PHE A 130 -3.86 19.68 15.14
CA PHE A 130 -4.83 18.59 15.31
C PHE A 130 -6.23 19.06 15.58
N ALA A 131 -6.39 20.12 16.44
CA ALA A 131 -7.71 20.52 16.82
C ALA A 131 -8.47 21.14 15.67
N GLN A 132 -7.75 21.61 14.65
CA GLN A 132 -8.39 22.20 13.47
C GLN A 132 -8.74 21.14 12.37
N CYS A 133 -8.18 19.95 12.57
CA CYS A 133 -8.41 18.81 11.60
C CYS A 133 -9.80 18.32 11.70
N LYS A 134 -10.24 17.63 10.65
CA LYS A 134 -11.49 16.89 10.71
C LYS A 134 -11.27 15.70 11.65
N LYS A 135 -12.28 15.40 12.42
CA LYS A 135 -12.27 14.24 13.33
C LYS A 135 -12.00 12.92 12.54
N GLY A 136 -11.05 12.12 12.99
CA GLY A 136 -10.69 10.83 12.30
C GLY A 136 -9.70 11.02 11.23
N VAL A 137 -8.99 12.11 11.18
CA VAL A 137 -7.88 12.29 10.25
C VAL A 137 -6.81 11.19 10.43
N ARG A 138 -6.21 10.78 9.30
CA ARG A 138 -5.13 9.86 9.33
C ARG A 138 -3.86 10.60 8.91
N VAL A 139 -2.75 10.32 9.54
CA VAL A 139 -1.47 11.02 9.22
C VAL A 139 -0.37 10.06 8.89
N VAL A 140 0.53 10.50 8.00
CA VAL A 140 1.71 9.84 7.58
C VAL A 140 2.93 10.77 7.77
N ASN A 141 3.98 10.27 8.37
CA ASN A 141 5.28 10.90 8.34
C ASN A 141 6.39 9.89 7.90
N CYS A 142 6.71 10.03 6.65
CA CYS A 142 7.91 9.37 6.06
C CYS A 142 9.07 10.34 5.65
N ALA A 143 9.11 11.52 6.33
CA ALA A 143 9.99 12.62 5.95
C ALA A 143 11.11 12.73 7.01
N ARG A 144 10.82 13.35 8.15
CA ARG A 144 11.80 13.59 9.22
C ARG A 144 11.13 13.47 10.56
N GLY A 145 11.85 12.88 11.51
CA GLY A 145 11.28 12.66 12.80
C GLY A 145 11.15 14.03 13.49
N GLY A 146 9.96 14.32 14.01
CA GLY A 146 9.78 15.63 14.76
C GLY A 146 8.85 16.56 14.03
N ILE A 147 8.54 16.30 12.77
CA ILE A 147 7.54 17.12 12.07
C ILE A 147 6.22 17.02 12.74
N VAL A 148 5.85 15.78 13.09
CA VAL A 148 4.64 15.50 13.88
C VAL A 148 5.05 15.38 15.34
N ASP A 149 4.52 16.27 16.17
CA ASP A 149 4.83 16.27 17.57
C ASP A 149 4.25 14.97 18.12
N GLU A 150 5.14 14.15 18.67
CA GLU A 150 4.74 12.78 19.05
C GLU A 150 3.77 12.72 20.23
N GLY A 151 3.94 13.65 21.18
CA GLY A 151 3.00 13.78 22.26
C GLY A 151 1.67 14.22 21.82
N ALA A 152 1.62 15.16 20.90
CA ALA A 152 0.33 15.62 20.33
C ALA A 152 -0.40 14.52 19.56
N LEU A 153 0.40 13.78 18.84
CA LEU A 153 -0.10 12.62 18.11
C LEU A 153 -0.70 11.53 18.97
N LEU A 154 -0.05 11.17 20.03
CA LEU A 154 -0.63 10.19 20.91
C LEU A 154 -1.94 10.71 21.56
N ARG A 155 -1.95 11.97 21.96
CA ARG A 155 -3.18 12.59 22.46
C ARG A 155 -4.33 12.56 21.45
N ALA A 156 -4.02 12.85 20.17
CA ALA A 156 -5.01 12.78 19.13
C ALA A 156 -5.49 11.31 18.83
N LEU A 157 -4.57 10.35 18.88
CA LEU A 157 -4.97 8.91 18.80
C LEU A 157 -5.84 8.54 19.99
N GLN A 158 -5.53 9.01 21.17
CA GLN A 158 -6.32 8.63 22.38
C GLN A 158 -7.74 9.10 22.37
N SER A 159 -7.93 10.30 21.84
CA SER A 159 -9.25 10.90 21.77
C SER A 159 -10.04 10.49 20.51
N GLY A 160 -9.32 9.94 19.51
CA GLY A 160 -9.91 9.63 18.21
C GLY A 160 -9.97 10.83 17.27
N GLN A 161 -9.43 11.99 17.63
CA GLN A 161 -9.27 13.08 16.65
C GLN A 161 -8.45 12.60 15.45
N CYS A 162 -7.47 11.76 15.73
CA CYS A 162 -6.63 11.05 14.76
C CYS A 162 -7.02 9.56 14.85
N ALA A 163 -7.40 8.97 13.68
CA ALA A 163 -7.91 7.66 13.57
C ALA A 163 -6.78 6.68 13.32
N GLY A 164 -5.61 7.19 12.92
CA GLY A 164 -4.47 6.31 12.68
C GLY A 164 -3.27 7.12 12.20
N ALA A 165 -2.10 6.61 12.39
CA ALA A 165 -0.86 7.20 11.92
C ALA A 165 0.13 6.17 11.38
N ALA A 166 0.99 6.62 10.43
CA ALA A 166 2.01 5.73 9.90
C ALA A 166 3.33 6.53 10.00
N LEU A 167 4.28 6.00 10.72
CA LEU A 167 5.55 6.65 11.00
C LEU A 167 6.73 5.84 10.50
N ASP A 168 7.52 6.41 9.59
CA ASP A 168 8.82 5.83 9.19
C ASP A 168 9.99 6.44 10.01
N VAL A 169 9.68 7.56 10.71
CA VAL A 169 10.74 8.32 11.29
C VAL A 169 10.20 8.80 12.69
N PHE A 170 11.16 9.02 13.56
CA PHE A 170 10.90 9.35 14.99
C PHE A 170 11.83 10.44 15.47
N THR A 171 11.27 11.23 16.40
CA THR A 171 12.05 12.26 17.06
C THR A 171 13.35 11.68 17.56
N GLU A 172 13.31 10.50 18.19
CA GLU A 172 14.53 9.75 18.59
C GLU A 172 14.48 8.39 17.90
N GLU A 173 15.61 7.95 17.31
CA GLU A 173 15.71 6.64 16.61
C GLU A 173 16.85 5.72 17.19
N PRO A 174 16.58 4.46 17.54
CA PRO A 174 15.21 3.92 17.70
C PRO A 174 14.43 4.69 18.76
N PRO A 175 13.11 4.73 18.61
CA PRO A 175 12.25 5.45 19.58
C PRO A 175 12.25 4.75 20.97
N ARG A 176 12.51 5.52 22.00
CA ARG A 176 12.89 5.00 23.35
C ARG A 176 11.57 4.87 24.18
N ASP A 177 10.59 5.69 23.78
CA ASP A 177 9.24 5.73 24.27
C ASP A 177 8.24 5.10 23.25
N ARG A 178 7.49 4.14 23.75
CA ARG A 178 6.87 3.05 23.01
C ARG A 178 5.31 3.13 22.91
N ALA A 179 4.72 4.10 23.60
CA ALA A 179 3.27 4.26 23.67
C ALA A 179 2.69 4.58 22.30
N LEU A 180 3.46 5.28 21.50
CA LEU A 180 3.05 5.62 20.17
C LEU A 180 3.11 4.38 19.23
N VAL A 181 4.29 3.77 19.19
CA VAL A 181 4.57 2.56 18.40
C VAL A 181 3.65 1.39 18.71
N ASP A 182 3.40 1.16 20.00
CA ASP A 182 2.53 0.09 20.45
C ASP A 182 1.02 0.37 20.33
N HIS A 183 0.60 1.59 19.98
CA HIS A 183 -0.79 1.90 19.77
C HIS A 183 -1.39 1.12 18.59
N GLU A 184 -2.61 0.63 18.77
CA GLU A 184 -3.21 -0.30 17.82
C GLU A 184 -3.37 0.37 16.44
N ASN A 185 -3.66 1.66 16.43
CA ASN A 185 -3.85 2.42 15.17
C ASN A 185 -2.60 3.05 14.57
N VAL A 186 -1.44 2.62 15.00
CA VAL A 186 -0.18 3.13 14.50
C VAL A 186 0.57 1.98 13.77
N ILE A 187 1.05 2.28 12.57
CA ILE A 187 1.89 1.43 11.79
C ILE A 187 3.22 2.13 11.59
N SER A 188 4.26 1.34 11.51
CA SER A 188 5.59 1.87 11.57
C SER A 188 6.64 1.03 10.90
N CYS A 189 7.76 1.70 10.60
CA CYS A 189 8.93 1.04 10.00
C CYS A 189 10.20 1.68 10.58
N PRO A 190 11.33 0.96 10.55
CA PRO A 190 12.58 1.47 11.09
C PRO A 190 13.31 2.33 10.06
N HIS A 191 12.67 3.43 9.64
CA HIS A 191 13.24 4.43 8.73
C HIS A 191 13.74 3.72 7.46
N LEU A 192 12.75 3.14 6.82
CA LEU A 192 12.92 2.44 5.49
C LEU A 192 12.78 3.31 4.22
N GLY A 193 12.45 4.58 4.32
CA GLY A 193 12.10 5.42 3.18
C GLY A 193 13.02 5.37 1.96
N ALA A 194 14.31 5.25 2.19
CA ALA A 194 15.36 5.23 1.15
C ALA A 194 15.93 3.79 0.98
N SER A 195 15.35 2.82 1.71
CA SER A 195 15.84 1.43 1.78
C SER A 195 15.25 0.55 0.68
N THR A 196 15.65 0.85 -0.54
CA THR A 196 15.45 -0.08 -1.64
C THR A 196 16.72 -0.41 -2.35
N LYS A 197 16.74 -1.57 -2.99
CA LYS A 197 17.94 -1.87 -3.82
C LYS A 197 18.31 -0.81 -4.89
N GLU A 198 17.28 -0.22 -5.46
CA GLU A 198 17.43 0.81 -6.53
C GLU A 198 17.93 2.23 -6.03
N ALA A 199 17.31 2.72 -4.96
CA ALA A 199 17.82 3.92 -4.29
C ALA A 199 19.29 3.66 -3.92
N GLN A 200 19.59 2.45 -3.41
CA GLN A 200 20.98 2.20 -2.91
C GLN A 200 21.97 2.23 -4.06
N SER A 201 21.60 1.73 -5.24
CA SER A 201 22.58 1.33 -6.26
C SER A 201 22.24 2.17 -7.47
N ARG A 202 23.13 3.12 -7.78
CA ARG A 202 22.93 4.09 -8.88
C ARG A 202 23.58 3.74 -10.24
N ASN B 8 -18.55 -4.45 -8.28
CA ASN B 8 -19.27 -3.37 -9.06
C ASN B 8 -19.32 -2.03 -8.21
N GLY B 9 -20.43 -1.87 -7.47
CA GLY B 9 -20.44 -1.41 -6.09
C GLY B 9 -19.17 -1.64 -5.29
N ASN B 10 -18.59 -2.85 -5.24
CA ASN B 10 -17.32 -3.07 -4.46
C ASN B 10 -15.99 -3.21 -5.27
N SER B 11 -16.04 -2.78 -6.53
CA SER B 11 -14.90 -2.96 -7.40
C SER B 11 -13.70 -2.20 -6.90
N LEU B 12 -13.95 -0.92 -6.58
CA LEU B 12 -12.86 -0.11 -6.06
C LEU B 12 -12.32 -0.56 -4.70
N SER B 13 -13.17 -1.06 -3.78
CA SER B 13 -12.63 -1.60 -2.52
C SER B 13 -11.63 -2.75 -2.71
N ALA B 14 -12.00 -3.66 -3.59
CA ALA B 14 -11.14 -4.76 -3.98
C ALA B 14 -9.84 -4.37 -4.63
N ALA B 15 -9.94 -3.51 -5.62
CA ALA B 15 -8.81 -2.96 -6.33
C ALA B 15 -7.87 -2.18 -5.41
N GLU B 16 -8.50 -1.40 -4.52
CA GLU B 16 -7.60 -0.70 -3.55
C GLU B 16 -6.87 -1.63 -2.57
N LEU B 17 -7.55 -2.65 -2.03
CA LEU B 17 -6.85 -3.62 -1.18
C LEU B 17 -5.72 -4.31 -1.95
N THR B 18 -5.97 -4.57 -3.24
CA THR B 18 -4.96 -5.29 -4.02
C THR B 18 -3.68 -4.39 -4.16
N CYS B 19 -3.94 -3.10 -4.51
CA CYS B 19 -2.78 -2.19 -4.69
C CYS B 19 -2.02 -2.01 -3.35
N GLY B 20 -2.79 -2.00 -2.23
CA GLY B 20 -2.12 -2.00 -0.94
C GLY B 20 -1.25 -3.23 -0.66
N MET B 21 -1.74 -4.42 -1.07
N MET B 21 -1.77 -4.43 -1.00
CA MET B 21 -0.98 -5.59 -0.89
CA MET B 21 -1.00 -5.58 -0.86
C MET B 21 0.29 -5.60 -1.71
C MET B 21 0.26 -5.59 -1.72
N ILE B 22 0.21 -5.07 -2.93
CA ILE B 22 1.38 -4.99 -3.72
C ILE B 22 2.45 -4.09 -3.07
N MET B 23 2.00 -2.92 -2.60
N MET B 23 2.02 -2.93 -2.54
CA MET B 23 2.94 -2.04 -1.91
CA MET B 23 3.03 -2.10 -1.85
C MET B 23 3.49 -2.70 -0.61
C MET B 23 3.55 -2.77 -0.60
N CYS B 24 2.65 -3.40 0.16
CA CYS B 24 3.12 -4.17 1.34
C CYS B 24 4.16 -5.23 1.03
N LEU B 25 4.00 -5.87 -0.13
CA LEU B 25 5.02 -6.84 -0.56
C LEU B 25 6.33 -6.17 -0.91
N ALA B 26 6.26 -5.02 -1.60
CA ALA B 26 7.44 -4.41 -2.05
C ALA B 26 8.29 -3.93 -0.92
N ARG B 27 7.62 -3.44 0.15
N ARG B 27 7.61 -3.44 0.15
CA ARG B 27 8.37 -2.82 1.29
CA ARG B 27 8.37 -2.79 1.24
C ARG B 27 8.28 -3.51 2.63
C ARG B 27 8.28 -3.50 2.61
N GLN B 28 7.59 -4.65 2.70
CA GLN B 28 7.40 -5.42 3.94
C GLN B 28 6.86 -4.61 5.13
N ILE B 29 5.88 -3.82 4.82
CA ILE B 29 5.34 -2.89 5.86
C ILE B 29 4.70 -3.66 7.02
N PRO B 30 3.96 -4.76 6.78
CA PRO B 30 3.37 -5.47 7.91
C PRO B 30 4.41 -6.10 8.83
N GLN B 31 5.48 -6.66 8.25
CA GLN B 31 6.58 -7.28 8.94
C GLN B 31 7.43 -6.30 9.74
N ALA B 32 7.60 -5.17 9.11
CA ALA B 32 8.36 -4.03 9.77
C ALA B 32 7.59 -3.48 11.00
N THR B 33 6.26 -3.33 10.83
CA THR B 33 5.46 -2.87 11.96
C THR B 33 5.51 -3.91 13.09
N ALA B 34 5.37 -5.20 12.78
CA ALA B 34 5.48 -6.21 13.80
C ALA B 34 6.85 -6.17 14.50
N SER B 35 7.94 -6.02 13.75
CA SER B 35 9.29 -5.90 14.29
C SER B 35 9.38 -4.69 15.31
N MET B 36 8.90 -3.53 14.87
CA MET B 36 8.79 -2.31 15.74
C MET B 36 7.93 -2.58 16.99
N LYS B 37 6.78 -3.25 16.84
CA LYS B 37 5.92 -3.53 17.98
C LYS B 37 6.52 -4.53 18.95
N ASP B 38 7.48 -5.31 18.49
CA ASP B 38 8.25 -6.25 19.33
C ASP B 38 9.52 -5.57 19.98
N GLY B 39 9.66 -4.26 19.83
CA GLY B 39 10.77 -3.50 20.49
C GLY B 39 12.06 -3.55 19.69
N LYS B 40 12.01 -4.05 18.46
CA LYS B 40 13.20 -4.15 17.57
C LYS B 40 13.38 -3.01 16.56
N TRP B 41 14.62 -2.80 16.09
CA TRP B 41 14.95 -1.82 15.04
C TRP B 41 15.85 -2.53 14.02
N GLU B 42 15.22 -3.10 13.01
CA GLU B 42 15.88 -4.00 12.02
C GLU B 42 15.93 -3.43 10.58
N ARG B 43 16.85 -2.52 10.31
CA ARG B 43 16.84 -1.86 8.97
C ARG B 43 17.41 -2.68 7.79
N LYS B 44 18.46 -3.42 8.06
CA LYS B 44 19.00 -4.37 7.06
C LYS B 44 17.98 -5.47 6.62
N LYS B 45 17.30 -6.07 7.60
CA LYS B 45 16.28 -7.10 7.30
C LYS B 45 15.14 -6.67 6.32
N PHE B 46 14.80 -5.38 6.30
CA PHE B 46 13.65 -4.92 5.52
C PHE B 46 13.96 -4.10 4.27
N MET B 47 15.17 -4.29 3.74
CA MET B 47 15.50 -3.88 2.36
C MET B 47 14.40 -4.31 1.37
N GLY B 48 13.91 -3.36 0.58
CA GLY B 48 12.77 -3.55 -0.27
C GLY B 48 13.11 -3.21 -1.70
N THR B 49 12.07 -3.16 -2.52
CA THR B 49 12.22 -2.75 -3.91
C THR B 49 11.21 -1.72 -4.31
N GLU B 50 11.64 -0.99 -5.35
CA GLU B 50 10.86 0.03 -6.00
C GLU B 50 9.93 -0.63 -6.93
N LEU B 51 8.72 -0.18 -7.00
CA LEU B 51 7.76 -0.57 -8.03
C LEU B 51 8.05 -0.02 -9.41
N ASN B 52 8.48 1.22 -9.48
CA ASN B 52 8.70 1.85 -10.73
C ASN B 52 9.65 0.99 -11.63
N GLY B 53 9.21 0.82 -12.88
CA GLY B 53 9.94 -0.05 -13.80
C GLY B 53 9.69 -1.54 -13.75
N LYS B 54 9.02 -2.02 -12.69
N LYS B 54 9.04 -2.03 -12.69
CA LYS B 54 8.76 -3.43 -12.53
CA LYS B 54 8.81 -3.45 -12.52
C LYS B 54 7.59 -3.82 -13.36
C LYS B 54 7.54 -3.86 -13.23
N THR B 55 7.50 -5.12 -13.64
CA THR B 55 6.36 -5.64 -14.36
C THR B 55 5.34 -6.32 -13.47
N LEU B 56 4.08 -5.93 -13.63
CA LEU B 56 2.92 -6.49 -12.99
C LEU B 56 2.08 -7.27 -13.99
N GLY B 57 1.92 -8.59 -13.74
CA GLY B 57 1.02 -9.36 -14.47
C GLY B 57 -0.36 -9.41 -13.83
N ILE B 58 -1.38 -9.17 -14.59
CA ILE B 58 -2.78 -9.12 -14.12
C ILE B 58 -3.60 -10.22 -14.84
N LEU B 59 -4.01 -11.19 -14.08
CA LEU B 59 -4.73 -12.25 -14.68
C LEU B 59 -6.19 -12.09 -14.48
N GLY B 60 -6.93 -11.77 -15.48
CA GLY B 60 -8.33 -11.35 -15.28
C GLY B 60 -8.41 -9.84 -15.45
N LEU B 61 -9.01 -9.41 -16.57
CA LEU B 61 -9.02 -8.03 -16.95
C LEU B 61 -10.35 -7.38 -17.01
N GLY B 62 -11.25 -7.86 -16.17
CA GLY B 62 -12.49 -7.14 -15.85
C GLY B 62 -12.32 -5.89 -15.01
N ARG B 63 -13.41 -5.42 -14.44
CA ARG B 63 -13.54 -4.13 -13.72
C ARG B 63 -12.40 -4.00 -12.68
N ILE B 64 -12.24 -5.03 -11.85
CA ILE B 64 -11.27 -4.94 -10.78
C ILE B 64 -9.85 -4.97 -11.31
N GLY B 65 -9.55 -5.94 -12.15
CA GLY B 65 -8.24 -5.97 -12.77
C GLY B 65 -7.85 -4.65 -13.50
N ARG B 66 -8.79 -4.03 -14.23
N ARG B 66 -8.80 -4.07 -14.24
CA ARG B 66 -8.57 -2.77 -14.96
CA ARG B 66 -8.61 -2.80 -14.93
C ARG B 66 -8.28 -1.65 -13.95
C ARG B 66 -8.31 -1.69 -13.96
N GLU B 67 -8.98 -1.67 -12.83
N GLU B 67 -9.00 -1.68 -12.84
CA GLU B 67 -8.79 -0.63 -11.79
CA GLU B 67 -8.81 -0.56 -11.94
C GLU B 67 -7.41 -0.74 -11.19
C GLU B 67 -7.44 -0.73 -11.20
N VAL B 68 -7.00 -1.95 -10.89
CA VAL B 68 -5.70 -2.22 -10.40
C VAL B 68 -4.64 -1.72 -11.42
N ALA B 69 -4.84 -2.06 -12.75
CA ALA B 69 -3.91 -1.64 -13.71
C ALA B 69 -3.65 -0.11 -13.73
N THR B 70 -4.72 0.67 -13.83
CA THR B 70 -4.54 2.11 -13.99
C THR B 70 -3.88 2.72 -12.75
N ARG B 71 -4.20 2.21 -11.59
CA ARG B 71 -3.55 2.67 -10.34
C ARG B 71 -2.05 2.34 -10.34
N MET B 72 -1.71 1.07 -10.72
CA MET B 72 -0.30 0.67 -10.68
C MET B 72 0.54 1.25 -11.83
N GLN B 73 -0.12 1.60 -12.95
CA GLN B 73 0.52 2.42 -14.03
C GLN B 73 1.05 3.76 -13.52
N SER B 74 0.35 4.39 -12.55
CA SER B 74 0.85 5.70 -11.98
C SER B 74 2.12 5.57 -11.17
N PHE B 75 2.43 4.36 -10.73
CA PHE B 75 3.71 4.05 -10.08
C PHE B 75 4.81 3.66 -11.05
N GLY B 76 4.54 3.75 -12.36
CA GLY B 76 5.49 3.34 -13.39
C GLY B 76 5.70 1.87 -13.56
N MET B 77 4.69 1.10 -13.19
CA MET B 77 4.86 -0.37 -13.37
C MET B 77 4.41 -0.62 -14.83
N LYS B 78 5.04 -1.62 -15.44
N LYS B 78 5.01 -1.62 -15.44
CA LYS B 78 4.58 -2.10 -16.76
CA LYS B 78 4.53 -2.01 -16.76
C LYS B 78 3.47 -3.08 -16.45
C LYS B 78 3.51 -3.12 -16.53
N THR B 79 2.30 -2.91 -17.02
CA THR B 79 1.18 -3.81 -16.77
C THR B 79 0.92 -4.72 -17.99
N ILE B 80 1.10 -6.03 -17.75
CA ILE B 80 0.70 -7.03 -18.78
C ILE B 80 -0.38 -7.86 -18.20
N GLY B 81 -0.98 -8.79 -19.01
CA GLY B 81 -1.93 -9.61 -18.42
C GLY B 81 -2.59 -10.49 -19.46
N TYR B 82 -3.60 -11.17 -19.00
CA TYR B 82 -4.32 -12.15 -19.81
C TYR B 82 -5.74 -12.13 -19.38
N ASP B 83 -6.66 -12.17 -20.34
CA ASP B 83 -8.08 -12.44 -20.10
C ASP B 83 -8.62 -13.11 -21.33
N PRO B 84 -9.27 -14.30 -21.15
CA PRO B 84 -9.69 -15.07 -22.33
C PRO B 84 -10.75 -14.35 -23.22
N ILE B 85 -11.52 -13.42 -22.62
CA ILE B 85 -12.51 -12.68 -23.38
C ILE B 85 -11.90 -11.37 -24.04
N ILE B 86 -11.17 -10.57 -23.29
CA ILE B 86 -10.97 -9.20 -23.72
C ILE B 86 -9.98 -9.17 -24.91
N SER B 87 -10.32 -8.48 -26.00
CA SER B 87 -9.38 -8.44 -27.17
C SER B 87 -8.14 -7.60 -26.74
N PRO B 88 -6.96 -7.82 -27.38
CA PRO B 88 -5.73 -7.10 -27.03
C PRO B 88 -5.77 -5.62 -27.34
N GLU B 89 -6.52 -5.25 -28.38
N GLU B 89 -6.52 -5.28 -28.39
CA GLU B 89 -6.67 -3.82 -28.68
CA GLU B 89 -6.80 -3.89 -28.74
C GLU B 89 -7.43 -3.13 -27.54
C GLU B 89 -7.47 -3.13 -27.64
N VAL B 90 -8.41 -3.80 -26.96
CA VAL B 90 -9.19 -3.20 -25.88
C VAL B 90 -8.32 -3.00 -24.65
N SER B 91 -7.62 -4.08 -24.26
CA SER B 91 -6.83 -4.01 -23.03
C SER B 91 -5.73 -3.01 -23.21
N ALA B 92 -5.16 -2.92 -24.42
CA ALA B 92 -4.21 -1.84 -24.74
C ALA B 92 -4.78 -0.45 -24.44
N SER B 93 -6.07 -0.27 -24.63
CA SER B 93 -6.75 0.99 -24.40
C SER B 93 -6.79 1.38 -22.93
N PHE B 94 -6.64 0.41 -22.06
CA PHE B 94 -6.35 0.76 -20.68
C PHE B 94 -4.97 0.30 -20.20
N GLY B 95 -4.03 0.31 -21.16
CA GLY B 95 -2.62 0.19 -20.84
C GLY B 95 -2.12 -1.16 -20.36
N VAL B 96 -2.88 -2.20 -20.69
CA VAL B 96 -2.47 -3.56 -20.41
C VAL B 96 -2.17 -4.38 -21.64
N GLN B 97 -0.94 -4.82 -21.69
CA GLN B 97 -0.46 -5.60 -22.85
C GLN B 97 -0.83 -7.05 -22.68
N GLN B 98 -1.70 -7.55 -23.54
CA GLN B 98 -2.04 -8.94 -23.50
C GLN B 98 -1.08 -9.89 -24.18
N LEU B 99 -0.82 -10.96 -23.47
CA LEU B 99 0.06 -12.03 -23.91
C LEU B 99 -0.49 -13.35 -23.40
N PRO B 100 -0.16 -14.40 -24.13
CA PRO B 100 -0.51 -15.66 -23.60
C PRO B 100 0.07 -15.95 -22.31
N LEU B 101 -0.56 -16.79 -21.49
CA LEU B 101 0.01 -17.03 -20.17
C LEU B 101 1.45 -17.44 -20.12
N GLU B 102 1.76 -18.38 -21.02
CA GLU B 102 3.10 -18.91 -21.09
C GLU B 102 4.16 -17.78 -21.28
N GLU B 103 3.75 -16.68 -21.87
CA GLU B 103 4.62 -15.53 -22.11
C GLU B 103 4.70 -14.69 -20.81
N ILE B 104 3.60 -14.68 -20.08
CA ILE B 104 3.45 -13.80 -18.91
C ILE B 104 4.38 -14.22 -17.77
N TRP B 105 4.46 -15.51 -17.49
CA TRP B 105 5.14 -16.02 -16.29
C TRP B 105 6.59 -15.57 -16.13
N PRO B 106 7.40 -15.68 -17.18
CA PRO B 106 8.82 -15.24 -16.99
C PRO B 106 9.06 -13.72 -16.90
N LEU B 107 8.06 -12.94 -17.20
CA LEU B 107 8.26 -11.49 -17.36
C LEU B 107 7.91 -10.79 -16.05
N CYS B 108 7.17 -11.45 -15.17
CA CYS B 108 6.59 -10.73 -14.01
C CYS B 108 7.50 -10.62 -12.77
N ASP B 109 7.54 -9.38 -12.21
CA ASP B 109 8.08 -9.15 -10.84
C ASP B 109 6.92 -9.40 -9.85
N PHE B 110 5.68 -9.11 -10.24
CA PHE B 110 4.54 -9.30 -9.39
C PHE B 110 3.42 -9.89 -10.24
N ILE B 111 2.60 -10.72 -9.61
CA ILE B 111 1.44 -11.31 -10.29
C ILE B 111 0.27 -11.11 -9.39
N THR B 112 -0.83 -10.68 -9.90
CA THR B 112 -2.07 -10.47 -9.14
C THR B 112 -3.24 -11.18 -9.95
N VAL B 113 -4.09 -11.87 -9.22
CA VAL B 113 -5.20 -12.58 -9.87
C VAL B 113 -6.56 -11.93 -9.63
N HIS B 114 -7.38 -11.79 -10.69
CA HIS B 114 -8.69 -11.18 -10.61
C HIS B 114 -9.75 -11.91 -11.47
N THR B 115 -9.78 -13.20 -11.21
CA THR B 115 -10.61 -14.15 -11.93
C THR B 115 -11.72 -14.70 -11.07
N PRO B 116 -12.68 -15.34 -11.77
CA PRO B 116 -13.58 -16.22 -10.99
C PRO B 116 -12.82 -17.48 -10.58
N LEU B 117 -13.48 -18.32 -9.75
CA LEU B 117 -12.99 -19.63 -9.36
C LEU B 117 -13.76 -20.61 -10.28
N LEU B 118 -13.00 -21.16 -11.25
CA LEU B 118 -13.57 -22.14 -12.19
C LEU B 118 -12.60 -23.29 -12.23
N PRO B 119 -13.00 -24.45 -12.79
CA PRO B 119 -11.90 -25.42 -13.03
C PRO B 119 -10.60 -24.89 -13.77
N SER B 120 -10.77 -24.04 -14.75
CA SER B 120 -9.63 -23.45 -15.41
C SER B 120 -8.70 -22.48 -14.55
N THR B 121 -9.29 -21.97 -13.48
CA THR B 121 -8.51 -21.04 -12.64
C THR B 121 -8.16 -21.59 -11.29
N THR B 122 -8.64 -22.76 -10.94
CA THR B 122 -8.25 -23.37 -9.67
C THR B 122 -6.87 -23.90 -9.83
N GLY B 123 -5.95 -23.43 -9.02
CA GLY B 123 -4.56 -23.74 -9.17
C GLY B 123 -3.98 -23.17 -10.47
N LEU B 124 -4.42 -21.99 -10.86
CA LEU B 124 -3.89 -21.27 -11.98
C LEU B 124 -2.40 -21.09 -11.72
N LEU B 125 -2.04 -20.70 -10.47
N LEU B 125 -2.03 -20.70 -10.48
CA LEU B 125 -0.67 -20.70 -10.01
CA LEU B 125 -0.67 -20.71 -10.05
C LEU B 125 -0.42 -21.97 -9.28
C LEU B 125 -0.45 -22.00 -9.31
N ASN B 126 0.47 -22.79 -9.84
CA ASN B 126 0.77 -24.12 -9.30
C ASN B 126 2.25 -24.40 -9.49
N ASP B 127 2.70 -25.60 -9.16
CA ASP B 127 4.16 -25.90 -9.25
C ASP B 127 4.71 -25.63 -10.67
N ASN B 128 3.93 -26.03 -11.72
N ASN B 128 3.91 -25.89 -11.66
CA ASN B 128 4.22 -25.82 -13.21
CA ASN B 128 4.44 -25.84 -12.97
C ASN B 128 4.38 -24.36 -13.57
C ASN B 128 4.48 -24.35 -13.42
N THR B 129 3.46 -23.57 -13.07
CA THR B 129 3.50 -22.14 -13.38
C THR B 129 4.52 -21.36 -12.53
N PHE B 130 4.67 -21.72 -11.26
CA PHE B 130 5.82 -21.20 -10.45
C PHE B 130 7.18 -21.48 -11.02
N ALA B 131 7.40 -22.66 -11.63
CA ALA B 131 8.65 -22.96 -12.21
C ALA B 131 8.95 -22.11 -13.45
N GLN B 132 7.91 -21.56 -14.10
CA GLN B 132 8.16 -20.69 -15.28
C GLN B 132 8.36 -19.19 -14.91
N CYS B 133 8.07 -18.87 -13.65
CA CYS B 133 8.19 -17.50 -13.20
C CYS B 133 9.63 -17.14 -12.98
N LYS B 134 9.89 -15.85 -12.91
CA LYS B 134 11.22 -15.35 -12.62
C LYS B 134 11.42 -15.61 -11.19
N LYS B 135 12.64 -15.95 -10.87
CA LYS B 135 12.99 -16.25 -9.53
C LYS B 135 12.75 -14.99 -8.62
N GLY B 136 12.08 -15.19 -7.48
CA GLY B 136 11.71 -14.08 -6.57
C GLY B 136 10.43 -13.38 -6.88
N VAL B 137 9.58 -13.97 -7.69
CA VAL B 137 8.27 -13.35 -8.01
C VAL B 137 7.47 -13.15 -6.70
N ARG B 138 6.67 -12.08 -6.69
CA ARG B 138 5.75 -11.77 -5.58
C ARG B 138 4.35 -11.95 -6.11
N VAL B 139 3.46 -12.61 -5.33
CA VAL B 139 2.11 -12.87 -5.79
C VAL B 139 1.04 -12.29 -4.85
N VAL B 140 -0.09 -11.88 -5.40
CA VAL B 140 -1.24 -11.32 -4.68
C VAL B 140 -2.50 -12.11 -5.09
N ASN B 141 -3.21 -12.65 -4.10
CA ASN B 141 -4.58 -13.09 -4.35
C ASN B 141 -5.60 -12.36 -3.36
N CYS B 142 -6.31 -11.49 -3.97
CA CYS B 142 -7.47 -10.83 -3.39
C CYS B 142 -8.82 -11.11 -4.09
N ALA B 143 -8.88 -12.22 -4.85
CA ALA B 143 -9.99 -12.58 -5.65
C ALA B 143 -10.81 -13.75 -5.01
N ARG B 144 -10.30 -15.00 -5.11
CA ARG B 144 -11.02 -16.16 -4.67
C ARG B 144 -10.01 -17.14 -4.18
N GLY B 145 -10.31 -17.78 -3.05
CA GLY B 145 -9.37 -18.71 -2.47
C GLY B 145 -9.26 -19.99 -3.35
N GLY B 146 -8.01 -20.39 -3.64
CA GLY B 146 -7.88 -21.60 -4.57
C GLY B 146 -7.34 -21.25 -5.95
N ILE B 147 -7.41 -19.97 -6.37
CA ILE B 147 -6.79 -19.63 -7.61
C ILE B 147 -5.29 -19.94 -7.56
N VAL B 148 -4.67 -19.58 -6.46
CA VAL B 148 -3.28 -19.91 -6.16
C VAL B 148 -3.27 -21.21 -5.40
N ASP B 149 -2.64 -22.26 -5.95
CA ASP B 149 -2.57 -23.49 -5.15
C ASP B 149 -1.72 -23.27 -3.90
N GLU B 150 -2.28 -23.53 -2.71
CA GLU B 150 -1.59 -23.12 -1.50
C GLU B 150 -0.36 -23.96 -1.19
N GLY B 151 -0.43 -25.28 -1.51
CA GLY B 151 0.72 -26.10 -1.31
C GLY B 151 1.85 -25.79 -2.24
N ALA B 152 1.51 -25.42 -3.46
CA ALA B 152 2.51 -24.98 -4.40
C ALA B 152 3.18 -23.65 -3.95
N LEU B 153 2.33 -22.77 -3.47
CA LEU B 153 2.81 -21.48 -2.97
C LEU B 153 3.75 -21.66 -1.82
N LEU B 154 3.42 -22.51 -0.87
CA LEU B 154 4.35 -22.68 0.25
C LEU B 154 5.70 -23.26 -0.25
N ARG B 155 5.63 -24.25 -1.15
CA ARG B 155 6.87 -24.78 -1.75
C ARG B 155 7.70 -23.71 -2.46
N ALA B 156 7.04 -22.80 -3.19
CA ALA B 156 7.73 -21.71 -3.83
C ALA B 156 8.28 -20.68 -2.84
N LEU B 157 7.55 -20.42 -1.76
CA LEU B 157 8.15 -19.61 -0.68
C LEU B 157 9.32 -20.25 0.04
N GLN B 158 9.27 -21.54 0.31
CA GLN B 158 10.38 -22.25 0.94
C GLN B 158 11.64 -22.31 0.11
N SER B 159 11.47 -22.34 -1.21
CA SER B 159 12.61 -22.47 -2.09
C SER B 159 13.18 -21.10 -2.50
N GLY B 160 12.39 -20.04 -2.25
CA GLY B 160 12.69 -18.70 -2.75
C GLY B 160 12.34 -18.48 -4.22
N GLN B 161 11.75 -19.44 -4.91
CA GLN B 161 11.17 -19.11 -6.21
C GLN B 161 10.13 -17.97 -6.14
N CYS B 162 9.34 -17.96 -5.07
CA CYS B 162 8.43 -16.88 -4.72
C CYS B 162 9.07 -16.17 -3.49
N ALA B 163 9.29 -14.83 -3.61
CA ALA B 163 9.91 -14.00 -2.58
C ALA B 163 8.88 -13.42 -1.58
N GLY B 164 7.59 -13.54 -1.89
CA GLY B 164 6.54 -13.08 -1.00
C GLY B 164 5.19 -13.28 -1.62
N ALA B 165 4.18 -13.42 -0.77
CA ALA B 165 2.81 -13.51 -1.19
C ALA B 165 1.87 -12.72 -0.24
N ALA B 166 0.78 -12.29 -0.77
CA ALA B 166 -0.24 -11.52 -0.01
C ALA B 166 -1.58 -12.14 -0.30
N LEU B 167 -2.22 -12.68 0.74
CA LEU B 167 -3.47 -13.39 0.58
C LEU B 167 -4.64 -12.78 1.33
N ASP B 168 -5.73 -12.41 0.67
CA ASP B 168 -6.96 -11.96 1.32
C ASP B 168 -7.96 -13.17 1.44
N VAL B 169 -7.70 -14.28 0.66
CA VAL B 169 -8.66 -15.30 0.54
C VAL B 169 -7.87 -16.65 0.61
N PHE B 170 -8.62 -17.68 1.09
CA PHE B 170 -8.08 -19.03 1.33
C PHE B 170 -9.01 -20.12 0.87
N THR B 171 -8.38 -21.20 0.50
CA THR B 171 -9.10 -22.39 0.06
C THR B 171 -10.12 -22.76 1.14
N GLU B 172 -9.74 -22.69 2.42
CA GLU B 172 -10.67 -22.84 3.53
C GLU B 172 -10.60 -21.58 4.43
N GLU B 173 -11.77 -21.08 4.78
CA GLU B 173 -11.88 -19.84 5.64
C GLU B 173 -12.69 -20.06 6.94
N PRO B 174 -12.15 -19.74 8.13
CA PRO B 174 -10.78 -19.38 8.32
C PRO B 174 -9.82 -20.51 7.98
N PRO B 175 -8.59 -20.20 7.59
CA PRO B 175 -7.63 -21.21 7.13
C PRO B 175 -7.16 -22.02 8.28
N ARG B 176 -7.23 -23.32 8.14
CA ARG B 176 -7.15 -24.28 9.28
C ARG B 176 -5.65 -24.66 9.44
N ASP B 177 -4.96 -24.56 8.32
CA ASP B 177 -3.57 -24.85 8.15
C ASP B 177 -2.73 -23.55 7.99
N ARG B 178 -1.71 -23.45 8.84
CA ARG B 178 -1.08 -22.21 9.27
C ARG B 178 0.37 -21.97 8.76
N ALA B 179 0.94 -22.97 8.08
CA ALA B 179 2.33 -22.90 7.62
C ALA B 179 2.48 -21.83 6.57
N LEU B 180 1.43 -21.64 5.78
CA LEU B 180 1.40 -20.57 4.80
C LEU B 180 1.30 -19.15 5.47
N VAL B 181 0.25 -18.98 6.27
CA VAL B 181 -0.05 -17.74 6.97
C VAL B 181 1.13 -17.28 7.85
N ASP B 182 1.72 -18.21 8.59
CA ASP B 182 2.83 -17.91 9.48
C ASP B 182 4.17 -17.69 8.82
N HIS B 183 4.27 -17.92 7.51
CA HIS B 183 5.56 -17.71 6.80
C HIS B 183 5.97 -16.25 6.84
N GLU B 184 7.27 -15.99 7.03
CA GLU B 184 7.76 -14.60 7.27
C GLU B 184 7.47 -13.71 6.05
N ASN B 185 7.53 -14.27 4.85
CA ASN B 185 7.22 -13.53 3.63
C ASN B 185 5.76 -13.47 3.16
N VAL B 186 4.84 -13.89 4.00
CA VAL B 186 3.43 -13.88 3.66
C VAL B 186 2.71 -12.79 4.52
N ILE B 187 1.89 -12.02 3.87
CA ILE B 187 0.99 -11.02 4.47
C ILE B 187 -0.45 -11.42 4.12
N SER B 188 -1.32 -11.17 5.03
CA SER B 188 -2.64 -11.67 4.93
C SER B 188 -3.67 -10.82 5.59
N CYS B 189 -4.92 -10.95 5.14
CA CYS B 189 -6.10 -10.35 5.78
C CYS B 189 -7.28 -11.31 5.78
N PRO B 190 -8.25 -11.15 6.70
CA PRO B 190 -9.38 -12.11 6.77
C PRO B 190 -10.51 -11.78 5.79
N HIS B 191 -10.20 -11.86 4.47
CA HIS B 191 -11.13 -11.57 3.38
C HIS B 191 -11.83 -10.21 3.58
N LEU B 192 -10.94 -9.24 3.58
CA LEU B 192 -11.34 -7.81 3.69
C LEU B 192 -11.60 -7.05 2.38
N GLY B 193 -11.48 -7.71 1.25
CA GLY B 193 -11.60 -7.07 -0.02
C GLY B 193 -12.77 -6.12 -0.25
N ALA B 194 -13.95 -6.47 0.21
CA ALA B 194 -15.20 -5.67 0.06
C ALA B 194 -15.52 -4.92 1.35
N SER B 195 -14.61 -5.03 2.34
CA SER B 195 -14.88 -4.50 3.71
C SER B 195 -14.45 -3.01 3.84
N THR B 196 -15.19 -2.15 3.20
CA THR B 196 -15.14 -0.71 3.49
C THR B 196 -16.49 -0.14 3.76
N LYS B 197 -16.54 0.95 4.49
CA LYS B 197 -17.85 1.65 4.70
C LYS B 197 -18.64 2.04 3.41
N GLU B 198 -17.93 2.42 2.35
CA GLU B 198 -18.48 2.81 1.07
C GLU B 198 -19.07 1.60 0.22
N ALA B 199 -18.29 0.52 0.11
CA ALA B 199 -18.79 -0.72 -0.49
C ALA B 199 -20.06 -1.17 0.28
N GLN B 200 -20.05 -1.07 1.59
CA GLN B 200 -21.16 -1.59 2.36
C GLN B 200 -22.43 -0.79 2.11
N SER B 201 -22.30 0.52 1.89
CA SER B 201 -23.40 1.45 2.11
C SER B 201 -23.54 2.14 0.80
N ARG B 202 -24.62 1.80 0.10
CA ARG B 202 -24.90 2.32 -1.23
C ARG B 202 -25.84 3.58 -1.22
C4 9TZ C . 6.69 25.34 6.42
C5 9TZ C . 7.68 24.88 5.56
C6 9TZ C . 7.34 23.85 4.66
C7 9TZ C . 9.06 25.49 5.68
C8 9TZ C . 8.34 23.21 3.72
C3 9TZ C . 5.40 24.84 6.39
C1 9TZ C . 6.05 23.33 4.66
C2 9TZ C . 5.12 23.83 5.52
F1 9TZ C . 3.88 23.27 5.51
O1 9TZ C . 9.58 23.29 4.15
O2 9TZ C . 7.99 22.61 2.68
C4 9TZ D . -8.49 -18.36 -17.19
C5 9TZ D . -9.58 -17.53 -17.01
C6 9TZ D . -9.36 -16.20 -16.61
C7 9TZ D . -10.94 -18.13 -17.21
C8 9TZ D . -10.47 -15.21 -16.38
C3 9TZ D . -7.20 -17.91 -17.06
C1 9TZ D . -8.05 -15.75 -16.49
C2 9TZ D . -7.01 -16.63 -16.66
F1 9TZ D . -5.74 -16.19 -16.52
O1 9TZ D . -10.26 -13.98 -16.29
O2 9TZ D . -11.64 -15.74 -16.17
#